data_3NKU
#
_entry.id   3NKU
#
_cell.length_a   47.609
_cell.length_b   49.955
_cell.length_c   159.775
_cell.angle_alpha   90.00
_cell.angle_beta   90.00
_cell.angle_gamma   90.00
#
_symmetry.space_group_name_H-M   'P 21 21 21'
#
loop_
_entity.id
_entity.type
_entity.pdbx_description
1 polymer DrrA
2 non-polymer DI(HYDROXYETHYL)ETHER
3 non-polymer 'TRIETHYLENE GLYCOL'
4 water water
#
_entity_poly.entity_id   1
_entity_poly.type   'polypeptide(L)'
_entity_poly.pdbx_seq_one_letter_code
;GH(MSE)(MSE)SVNEEQFGSLYSDERDKPLLSPTAQKKFEEYQNKLANLSKIIRENEGNEVSPWQEWENGLRQIYKE
(MSE)IYDAFDALGVE(MSE)PKD(MSE)EVHFAGSLAKAQATEYSDLDAFVIVKNDEDIKKVKPVFDALNNLCQRIFTA
SNQIYPDPIGINPSRLIGTPDDLFG(MSE)LKDG(MSE)VADVEATA(MSE)SILTSKPVLPRYELGEELRDKIKQEPSF
SN(MSE)VSAK
;
_entity_poly.pdbx_strand_id   A,B
#
# COMPACT_ATOMS: atom_id res chain seq x y z
N GLY A 12 17.37 -13.43 16.73
CA GLY A 12 17.66 -12.04 16.23
C GLY A 12 16.59 -11.38 15.35
N SER A 13 15.77 -10.48 15.90
CA SER A 13 14.71 -9.88 15.10
C SER A 13 15.22 -8.63 14.36
N LEU A 14 14.45 -8.22 13.36
CA LEU A 14 14.94 -7.29 12.35
C LEU A 14 15.36 -5.96 12.93
N TYR A 15 14.75 -5.61 14.05
CA TYR A 15 14.92 -4.31 14.66
C TYR A 15 15.70 -4.39 16.00
N SER A 16 16.37 -5.51 16.25
CA SER A 16 17.25 -5.66 17.42
C SER A 16 18.58 -4.94 17.23
N ASP A 17 19.25 -4.69 18.35
CA ASP A 17 20.58 -4.12 18.36
C ASP A 17 21.57 -5.20 17.90
N GLU A 18 22.34 -4.88 16.87
CA GLU A 18 23.36 -5.75 16.29
C GLU A 18 24.23 -6.40 17.39
N ARG A 19 24.74 -5.57 18.30
CA ARG A 19 25.62 -6.02 19.36
C ARG A 19 24.98 -7.00 20.31
N ASP A 20 23.67 -6.90 20.46
CA ASP A 20 22.93 -7.79 21.33
CA ASP A 20 22.86 -7.76 21.32
C ASP A 20 22.54 -9.07 20.58
N LYS A 21 22.04 -8.92 19.35
CA LYS A 21 21.69 -10.07 18.52
C LYS A 21 22.36 -9.95 17.12
N PRO A 22 23.63 -10.39 17.02
CA PRO A 22 24.41 -10.32 15.78
C PRO A 22 23.90 -11.08 14.53
N LEU A 23 23.10 -12.13 14.73
CA LEU A 23 22.60 -12.94 13.62
C LEU A 23 21.10 -12.75 13.60
N LEU A 24 20.56 -12.50 12.42
CA LEU A 24 19.12 -12.39 12.27
C LEU A 24 18.53 -13.76 12.08
N SER A 25 17.31 -13.92 12.60
CA SER A 25 16.44 -15.02 12.22
C SER A 25 16.24 -15.16 10.71
N PRO A 26 15.82 -16.35 10.26
CA PRO A 26 15.66 -16.55 8.81
C PRO A 26 14.77 -15.52 8.13
N THR A 27 13.63 -15.21 8.75
CA THR A 27 12.70 -14.26 8.14
C THR A 27 13.21 -12.81 8.22
N ALA A 28 13.72 -12.39 9.39
CA ALA A 28 14.34 -11.06 9.50
C ALA A 28 15.44 -10.91 8.43
N GLN A 29 16.26 -11.96 8.25
CA GLN A 29 17.35 -11.97 7.30
C GLN A 29 16.92 -11.68 5.84
N LYS A 30 15.78 -12.24 5.44
CA LYS A 30 15.28 -12.09 4.06
C LYS A 30 14.93 -10.62 3.83
N LYS A 31 14.29 -10.01 4.83
CA LYS A 31 13.85 -8.63 4.76
C LYS A 31 15.07 -7.73 4.81
N PHE A 32 16.05 -8.13 5.61
CA PHE A 32 17.31 -7.39 5.71
C PHE A 32 17.93 -7.36 4.32
N GLU A 33 18.08 -8.55 3.73
CA GLU A 33 18.71 -8.68 2.43
C GLU A 33 17.93 -7.91 1.36
N GLU A 34 16.64 -7.74 1.56
CA GLU A 34 15.82 -7.04 0.56
C GLU A 34 16.14 -5.54 0.56
N TYR A 35 16.35 -4.97 1.74
CA TYR A 35 16.79 -3.60 1.83
C TYR A 35 18.23 -3.45 1.32
N GLN A 36 19.13 -4.32 1.73
CA GLN A 36 20.52 -4.29 1.21
C GLN A 36 20.49 -4.32 -0.27
N ASN A 37 19.70 -5.21 -0.87
CA ASN A 37 19.68 -5.25 -2.34
C ASN A 37 19.09 -4.00 -2.95
N LYS A 38 18.08 -3.35 -2.36
CA LYS A 38 17.61 -2.10 -2.99
C LYS A 38 18.76 -1.06 -2.91
N LEU A 39 19.46 -1.02 -1.77
CA LEU A 39 20.56 -0.08 -1.61
C LEU A 39 21.70 -0.32 -2.62
N ALA A 40 22.17 -1.55 -2.69
CA ALA A 40 23.19 -1.94 -3.64
C ALA A 40 22.81 -1.63 -5.09
N ASN A 41 21.60 -1.94 -5.47
CA ASN A 41 21.13 -1.65 -6.80
C ASN A 41 21.06 -0.15 -7.10
N LEU A 42 20.59 0.62 -6.13
CA LEU A 42 20.52 2.06 -6.26
C LEU A 42 21.91 2.62 -6.50
N SER A 43 22.84 2.24 -5.63
CA SER A 43 24.22 2.66 -5.78
C SER A 43 24.82 2.25 -7.14
N LYS A 44 24.59 1.01 -7.52
CA LYS A 44 25.11 0.49 -8.78
C LYS A 44 24.60 1.24 -10.00
N ILE A 45 23.30 1.43 -10.11
CA ILE A 45 22.75 2.08 -11.27
C ILE A 45 23.23 3.52 -11.32
N ILE A 46 23.31 4.19 -10.18
CA ILE A 46 23.74 5.60 -10.22
C ILE A 46 25.19 5.71 -10.74
N ARG A 47 26.08 4.86 -10.23
CA ARG A 47 27.49 4.90 -10.57
C ARG A 47 27.69 4.51 -12.01
N GLU A 48 27.03 3.46 -12.45
CA GLU A 48 27.18 3.03 -13.85
C GLU A 48 26.71 4.11 -14.81
N ASN A 49 25.71 4.91 -14.46
CA ASN A 49 25.12 5.84 -15.46
C ASN A 49 25.56 7.27 -15.32
N GLU A 50 26.66 7.45 -14.57
CA GLU A 50 27.08 8.72 -14.03
C GLU A 50 27.37 9.70 -15.21
N GLY A 51 27.80 9.16 -16.33
CA GLY A 51 28.09 9.96 -17.53
C GLY A 51 26.82 10.56 -18.15
N ASN A 52 25.64 10.02 -17.84
CA ASN A 52 24.40 10.51 -18.41
C ASN A 52 23.47 11.02 -17.33
N GLU A 53 24.01 11.20 -16.12
CA GLU A 53 23.29 11.81 -15.07
C GLU A 53 23.87 13.17 -14.78
N VAL A 54 22.95 14.12 -14.60
CA VAL A 54 23.28 15.53 -14.40
C VAL A 54 23.82 15.67 -12.98
N SER A 55 23.15 15.08 -12.02
CA SER A 55 23.45 15.31 -10.59
C SER A 55 23.43 13.98 -9.79
N PRO A 56 24.42 13.12 -10.00
CA PRO A 56 24.39 11.77 -9.41
C PRO A 56 24.27 11.74 -7.91
N TRP A 57 24.83 12.73 -7.19
CA TRP A 57 24.67 12.71 -5.72
C TRP A 57 23.21 13.04 -5.32
N GLN A 58 22.58 13.98 -6.03
CA GLN A 58 21.16 14.29 -5.77
C GLN A 58 20.30 13.04 -6.07
N GLU A 59 20.68 12.27 -7.09
CA GLU A 59 19.93 11.06 -7.42
C GLU A 59 20.09 10.04 -6.29
N TRP A 60 21.28 9.93 -5.74
CA TRP A 60 21.57 9.02 -4.63
C TRP A 60 20.75 9.44 -3.42
N GLU A 61 20.77 10.72 -3.07
CA GLU A 61 19.95 11.19 -1.95
C GLU A 61 18.48 10.97 -2.12
N ASN A 62 17.97 11.26 -3.30
CA ASN A 62 16.59 11.08 -3.59
C ASN A 62 16.20 9.58 -3.48
N GLY A 63 17.04 8.68 -3.98
CA GLY A 63 16.78 7.26 -3.80
C GLY A 63 16.82 6.77 -2.34
N LEU A 64 17.76 7.28 -1.56
CA LEU A 64 17.83 6.99 -0.17
C LEU A 64 16.59 7.45 0.62
N ARG A 65 16.00 8.58 0.25
CA ARG A 65 14.79 9.09 0.89
C ARG A 65 13.63 8.16 0.63
N GLN A 66 13.49 7.70 -0.60
CA GLN A 66 12.52 6.68 -0.93
C GLN A 66 12.68 5.32 -0.19
N ILE A 67 13.89 4.81 -0.09
CA ILE A 67 14.14 3.55 0.61
C ILE A 67 13.77 3.78 2.10
N TYR A 68 14.15 4.93 2.68
CA TYR A 68 13.93 5.15 4.10
C TYR A 68 12.43 5.29 4.35
N LYS A 69 11.72 5.96 3.46
CA LYS A 69 10.29 6.08 3.56
C LYS A 69 9.64 4.69 3.55
N GLU A 70 10.12 3.82 2.68
CA GLU A 70 9.64 2.48 2.67
C GLU A 70 9.93 1.73 3.97
N ILE A 72 10.30 3.07 6.80
CA ILE A 72 9.47 3.61 7.88
C ILE A 72 8.09 2.96 7.88
N TYR A 73 7.42 2.91 6.75
CA TYR A 73 6.12 2.27 6.69
C TYR A 73 6.21 0.84 7.15
N ASP A 74 7.28 0.15 6.74
CA ASP A 74 7.45 -1.26 7.10
C ASP A 74 7.58 -1.38 8.62
N ALA A 75 8.32 -0.46 9.27
CA ALA A 75 8.50 -0.59 10.70
C ALA A 75 7.19 -0.33 11.52
N PHE A 76 6.42 0.67 11.11
CA PHE A 76 5.11 0.95 11.75
C PHE A 76 4.21 -0.30 11.67
N ASP A 77 4.09 -0.85 10.47
CA ASP A 77 3.35 -2.08 10.29
C ASP A 77 3.90 -3.22 11.17
N ALA A 78 5.21 -3.48 11.16
CA ALA A 78 5.76 -4.67 11.92
C ALA A 78 5.58 -4.54 13.38
N LEU A 79 5.63 -3.30 13.88
CA LEU A 79 5.42 -3.04 15.30
C LEU A 79 3.93 -2.82 15.70
N GLY A 80 3.01 -2.81 14.72
CA GLY A 80 1.62 -2.76 15.00
C GLY A 80 1.23 -1.39 15.50
N VAL A 81 1.93 -0.35 15.06
CA VAL A 81 1.63 1.01 15.47
C VAL A 81 1.04 1.74 14.28
N GLU A 82 -0.04 2.44 14.54
CA GLU A 82 -0.62 3.31 13.53
C GLU A 82 0.15 4.62 13.39
N PRO A 84 0.63 8.30 12.91
CA PRO A 84 -0.30 9.46 12.91
C PRO A 84 -0.28 10.19 11.58
N LYS A 85 -1.46 10.66 11.19
CA LYS A 85 -1.67 11.18 9.82
C LYS A 85 -0.97 12.51 9.58
N ASP A 86 -0.79 13.31 10.64
CA ASP A 86 -0.09 14.58 10.47
C ASP A 86 1.43 14.44 10.73
N GLU A 88 5.37 14.05 10.32
CA GLU A 88 6.34 14.29 9.25
C GLU A 88 7.73 13.73 9.58
N VAL A 89 8.51 13.44 8.55
CA VAL A 89 9.89 13.08 8.70
C VAL A 89 10.62 13.91 7.63
N HIS A 90 11.62 14.67 8.08
CA HIS A 90 12.47 15.46 7.21
C HIS A 90 13.93 15.10 7.38
N PHE A 91 14.70 15.15 6.28
CA PHE A 91 16.18 14.99 6.33
C PHE A 91 16.92 16.32 6.36
N ALA A 92 17.63 16.54 7.46
CA ALA A 92 18.57 17.62 7.57
C ALA A 92 19.96 17.12 7.17
N GLY A 93 20.68 17.91 6.35
CA GLY A 93 22.10 17.65 6.05
C GLY A 93 22.43 16.96 4.73
N SER A 94 23.71 16.62 4.54
CA SER A 94 24.21 16.08 3.28
C SER A 94 25.52 15.30 3.46
N SER A 104 28.63 15.07 12.39
CA SER A 104 27.31 14.74 11.88
C SER A 104 26.45 16.01 11.75
N ASP A 105 25.20 15.82 11.34
CA ASP A 105 24.17 16.86 11.29
C ASP A 105 23.01 16.36 12.12
N LEU A 106 21.94 17.15 12.11
CA LEU A 106 20.65 16.80 12.71
C LEU A 106 20.00 15.52 12.08
N ASP A 107 20.37 15.17 10.84
CA ASP A 107 19.95 13.90 10.23
C ASP A 107 18.43 13.84 10.07
N ALA A 108 17.77 12.69 10.25
CA ALA A 108 16.34 12.66 10.10
C ALA A 108 15.72 13.19 11.39
N PHE A 109 14.70 13.98 11.23
CA PHE A 109 13.98 14.49 12.37
C PHE A 109 12.52 14.27 12.12
N VAL A 110 11.84 13.93 13.22
CA VAL A 110 10.42 13.53 13.17
C VAL A 110 9.63 14.65 13.81
N ILE A 111 8.67 15.20 13.07
CA ILE A 111 7.84 16.24 13.63
C ILE A 111 6.47 15.64 13.80
N VAL A 112 5.99 15.67 15.03
CA VAL A 112 4.64 15.23 15.36
C VAL A 112 3.82 16.47 15.64
N LYS A 113 2.51 16.27 15.59
CA LYS A 113 1.56 17.32 15.91
C LYS A 113 1.39 17.51 17.42
N ASN A 114 1.23 16.42 18.14
CA ASN A 114 0.97 16.52 19.58
C ASN A 114 2.08 15.84 20.23
N ASP A 115 2.45 16.30 21.40
CA ASP A 115 3.41 15.60 22.22
C ASP A 115 2.98 14.18 22.60
N GLU A 116 1.69 13.91 22.65
CA GLU A 116 1.19 12.55 22.94
C GLU A 116 1.63 11.53 21.90
N ASP A 117 1.84 12.00 20.69
CA ASP A 117 2.22 11.09 19.61
C ASP A 117 3.62 10.53 19.83
N ILE A 118 4.48 11.27 20.54
CA ILE A 118 5.92 10.86 20.71
C ILE A 118 6.01 9.48 21.35
N LYS A 119 5.25 9.23 22.41
CA LYS A 119 5.21 7.92 23.10
C LYS A 119 5.01 6.71 22.22
N LYS A 120 4.17 6.86 21.20
CA LYS A 120 3.86 5.75 20.35
C LYS A 120 4.82 5.69 19.15
N VAL A 121 5.28 6.83 18.68
CA VAL A 121 6.12 6.92 17.47
C VAL A 121 7.58 6.69 17.79
N LYS A 122 8.06 7.23 18.91
CA LYS A 122 9.48 7.13 19.20
C LYS A 122 10.05 5.73 19.17
N PRO A 123 9.36 4.73 19.73
CA PRO A 123 9.94 3.38 19.69
C PRO A 123 10.07 2.80 18.28
N VAL A 124 9.22 3.25 17.35
CA VAL A 124 9.34 2.80 15.98
C VAL A 124 10.65 3.34 15.34
N PHE A 125 10.98 4.60 15.60
CA PHE A 125 12.20 5.17 15.04
C PHE A 125 13.43 4.68 15.75
N ASP A 126 13.28 4.33 17.02
CA ASP A 126 14.39 3.73 17.71
C ASP A 126 14.66 2.39 17.09
N ALA A 127 13.60 1.63 16.90
CA ALA A 127 13.72 0.39 16.15
C ALA A 127 14.40 0.56 14.77
N LEU A 128 13.97 1.53 13.97
CA LEU A 128 14.62 1.82 12.71
C LEU A 128 16.07 2.21 12.88
N ASN A 129 16.39 2.98 13.94
CA ASN A 129 17.80 3.33 14.18
C ASN A 129 18.65 2.10 14.30
N ASN A 130 18.13 1.10 15.00
CA ASN A 130 18.89 -0.15 15.19
C ASN A 130 19.14 -0.81 13.89
N LEU A 131 18.10 -0.90 13.06
CA LEU A 131 18.22 -1.56 11.74
C LEU A 131 19.19 -0.84 10.81
N CYS A 132 19.18 0.49 10.86
CA CYS A 132 20.09 1.31 10.07
C CYS A 132 21.52 1.13 10.52
N GLN A 133 21.74 1.00 11.83
CA GLN A 133 23.08 0.66 12.34
C GLN A 133 23.60 -0.67 11.78
N ARG A 134 22.76 -1.72 11.84
CA ARG A 134 23.05 -3.01 11.22
C ARG A 134 23.39 -2.90 9.73
N ILE A 135 22.59 -2.15 8.98
CA ILE A 135 22.88 -2.01 7.58
C ILE A 135 24.27 -1.34 7.39
N PHE A 136 24.58 -0.33 8.20
CA PHE A 136 25.86 0.35 8.10
C PHE A 136 27.02 -0.66 8.24
N THR A 137 26.94 -1.50 9.28
CA THR A 137 27.94 -2.53 9.52
C THR A 137 28.12 -3.49 8.34
N ALA A 138 27.00 -3.96 7.80
CA ALA A 138 27.04 -4.99 6.75
C ALA A 138 27.65 -4.44 5.48
N SER A 139 27.60 -3.13 5.27
CA SER A 139 28.18 -2.51 4.10
C SER A 139 29.71 -2.42 4.18
N ILE A 149 22.03 5.64 5.12
CA ILE A 149 20.90 6.37 5.67
C ILE A 149 21.27 6.89 7.08
N ASN A 150 21.09 8.22 7.27
CA ASN A 150 21.04 8.94 8.59
C ASN A 150 20.16 8.23 9.70
N PRO A 151 20.61 8.22 10.99
CA PRO A 151 19.73 7.89 12.07
C PRO A 151 18.65 9.01 12.27
N SER A 152 17.57 8.71 12.94
CA SER A 152 16.68 9.74 13.40
C SER A 152 17.21 10.18 14.75
N ARG A 153 17.40 11.47 14.95
CA ARG A 153 17.90 11.93 16.24
C ARG A 153 16.83 12.66 17.04
N LEU A 154 16.18 13.66 16.44
CA LEU A 154 15.18 14.49 17.18
C LEU A 154 13.74 14.18 16.78
N ILE A 155 12.82 14.24 17.75
CA ILE A 155 11.43 14.07 17.52
C ILE A 155 10.65 15.03 18.34
N GLY A 156 9.74 15.79 17.73
CA GLY A 156 8.93 16.68 18.51
C GLY A 156 7.94 17.48 17.73
N THR A 157 7.24 18.36 18.45
CA THR A 157 6.39 19.31 17.83
C THR A 157 7.24 20.44 17.30
N PRO A 158 6.67 21.24 16.40
CA PRO A 158 7.37 22.46 16.00
C PRO A 158 7.80 23.33 17.19
N ASP A 159 6.88 23.57 18.11
CA ASP A 159 7.25 24.22 19.37
C ASP A 159 8.46 23.59 20.10
N ASP A 160 8.41 22.28 20.35
CA ASP A 160 9.53 21.59 21.02
C ASP A 160 10.88 21.83 20.32
N LEU A 161 10.91 21.66 19.00
CA LEU A 161 12.18 21.63 18.34
C LEU A 161 12.72 23.07 18.29
N PHE A 162 11.87 24.02 17.90
CA PHE A 162 12.24 25.45 17.98
C PHE A 162 12.80 25.80 19.36
N GLY A 163 12.14 25.32 20.42
CA GLY A 163 12.58 25.59 21.78
C GLY A 163 13.97 25.06 22.12
N LEU A 165 16.38 24.85 20.11
CA LEU A 165 17.28 25.81 19.48
C LEU A 165 17.30 27.14 20.26
N LYS A 166 16.13 27.65 20.60
CA LYS A 166 16.00 28.89 21.37
C LYS A 166 16.74 28.77 22.72
N ASP A 167 16.63 27.61 23.37
CA ASP A 167 17.26 27.35 24.68
C ASP A 167 18.65 26.66 24.64
N GLY A 168 19.31 26.62 23.49
CA GLY A 168 20.69 26.09 23.43
C GLY A 168 20.90 24.66 23.91
N VAL A 170 21.20 22.13 21.94
CA VAL A 170 21.74 21.40 20.81
C VAL A 170 23.14 21.90 20.52
N ALA A 171 24.03 20.97 20.23
CA ALA A 171 25.35 21.28 19.67
C ALA A 171 25.16 22.05 18.36
N ASP A 172 25.80 23.20 18.27
CA ASP A 172 25.85 23.95 17.00
C ASP A 172 24.46 24.44 16.59
N VAL A 173 23.90 25.35 17.37
CA VAL A 173 22.54 25.86 17.19
C VAL A 173 22.31 26.50 15.83
N GLU A 174 23.20 27.38 15.41
CA GLU A 174 22.96 28.13 14.17
C GLU A 174 22.98 27.22 12.92
N ALA A 175 23.78 26.16 12.99
CA ALA A 175 23.95 25.22 11.89
C ALA A 175 22.90 24.12 11.92
N THR A 176 22.37 23.83 13.12
CA THR A 176 21.25 22.94 13.23
C THR A 176 20.03 23.68 12.66
N ALA A 177 19.88 24.93 13.04
CA ALA A 177 18.80 25.77 12.58
C ALA A 177 18.79 25.84 11.07
N SER A 179 20.16 23.82 8.90
CA SER A 179 19.90 22.53 8.29
C SER A 179 18.41 22.18 8.26
N ILE A 180 17.67 22.70 9.24
CA ILE A 180 16.26 22.48 9.29
C ILE A 180 15.64 23.32 8.19
N LEU A 181 16.12 24.56 8.05
CA LEU A 181 15.63 25.44 7.01
C LEU A 181 15.79 24.83 5.63
N THR A 182 16.85 24.06 5.42
CA THR A 182 17.12 23.52 4.12
C THR A 182 16.90 22.02 4.06
N SER A 183 16.09 21.47 4.98
CA SER A 183 15.83 20.04 5.00
C SER A 183 14.95 19.64 3.82
N LYS A 184 14.91 18.37 3.55
CA LYS A 184 14.06 17.80 2.52
C LYS A 184 13.13 16.77 3.13
N PRO A 185 11.89 16.72 2.62
CA PRO A 185 10.87 15.87 3.23
C PRO A 185 11.04 14.42 2.83
N VAL A 186 10.87 13.50 3.79
CA VAL A 186 10.88 12.06 3.50
C VAL A 186 9.44 11.57 3.24
N LEU A 187 8.47 12.02 4.08
CA LEU A 187 7.06 11.74 3.81
C LEU A 187 6.47 12.92 3.09
N PRO A 188 5.38 12.70 2.34
CA PRO A 188 4.79 13.74 1.54
C PRO A 188 3.87 14.60 2.41
N ARG A 189 4.48 15.24 3.41
CA ARG A 189 3.80 16.11 4.38
C ARG A 189 4.74 17.25 4.79
N TYR A 190 4.18 18.45 4.87
CA TYR A 190 4.99 19.68 4.89
C TYR A 190 4.48 20.72 5.87
N GLU A 191 3.24 20.60 6.33
CA GLU A 191 2.63 21.68 7.11
C GLU A 191 3.40 21.97 8.43
N LEU A 192 3.80 20.93 9.16
CA LEU A 192 4.48 21.13 10.43
C LEU A 192 5.88 21.63 10.18
N GLY A 193 6.51 21.09 9.16
CA GLY A 193 7.78 21.50 8.71
C GLY A 193 7.82 22.96 8.37
N GLU A 194 6.73 23.49 7.81
CA GLU A 194 6.65 24.93 7.52
C GLU A 194 6.46 25.73 8.77
N GLU A 195 5.73 25.22 9.76
CA GLU A 195 5.58 25.93 11.02
C GLU A 195 6.93 26.07 11.70
N LEU A 196 7.73 24.99 11.72
CA LEU A 196 9.04 25.02 12.33
C LEU A 196 9.94 26.04 11.59
N ARG A 197 9.95 25.99 10.26
CA ARG A 197 10.81 26.89 9.46
C ARG A 197 10.42 28.35 9.64
N ASP A 198 9.13 28.62 9.58
CA ASP A 198 8.60 29.95 9.83
C ASP A 198 8.96 30.42 11.24
N LYS A 199 9.01 29.51 12.21
CA LYS A 199 9.39 29.90 13.57
C LYS A 199 10.87 30.27 13.58
N ILE A 200 11.69 29.42 12.98
CA ILE A 200 13.10 29.72 12.86
C ILE A 200 13.30 31.04 12.15
N LYS A 201 12.75 31.19 10.94
CA LYS A 201 12.91 32.41 10.14
C LYS A 201 12.64 33.70 10.94
N GLN A 202 11.66 33.65 11.83
CA GLN A 202 11.26 34.75 12.71
C GLN A 202 12.32 35.16 13.72
N GLU A 203 13.26 34.27 14.05
CA GLU A 203 14.35 34.59 15.01
C GLU A 203 15.74 34.88 14.35
N PRO A 204 16.33 36.05 14.68
CA PRO A 204 17.38 36.65 13.86
C PRO A 204 18.73 35.91 13.90
N SER A 205 19.14 35.46 15.09
CA SER A 205 20.30 34.58 15.28
C SER A 205 20.14 33.77 16.57
N PHE B 11 -27.79 14.48 -11.06
CA PHE B 11 -26.73 13.56 -11.61
C PHE B 11 -25.61 13.51 -10.56
N GLY B 12 -24.78 12.46 -10.43
CA GLY B 12 -24.62 11.34 -11.29
C GLY B 12 -23.18 11.17 -11.76
N SER B 13 -22.20 11.12 -10.86
CA SER B 13 -20.86 10.65 -11.21
C SER B 13 -20.94 9.13 -11.40
N LEU B 14 -20.00 8.58 -12.17
CA LEU B 14 -19.97 7.19 -12.52
C LEU B 14 -19.86 6.31 -11.25
N TYR B 15 -19.23 6.84 -10.20
CA TYR B 15 -18.97 6.12 -8.99
C TYR B 15 -19.91 6.49 -7.84
N SER B 16 -20.96 7.19 -8.16
CA SER B 16 -21.91 7.65 -7.14
C SER B 16 -22.78 6.44 -6.77
N ASP B 17 -23.31 6.42 -5.57
CA ASP B 17 -24.34 5.46 -5.17
C ASP B 17 -25.62 5.74 -5.91
N GLU B 18 -26.17 4.69 -6.57
CA GLU B 18 -27.39 4.89 -7.31
C GLU B 18 -28.62 5.26 -6.44
N ARG B 19 -28.63 4.87 -5.16
CA ARG B 19 -29.77 5.19 -4.26
C ARG B 19 -29.81 6.73 -4.18
N ASP B 20 -28.64 7.32 -3.95
CA ASP B 20 -28.44 8.78 -3.90
C ASP B 20 -28.58 9.50 -5.23
N LYS B 21 -27.99 8.96 -6.31
CA LYS B 21 -28.09 9.54 -7.66
C LYS B 21 -28.50 8.54 -8.71
N PRO B 22 -29.80 8.46 -9.02
CA PRO B 22 -30.23 7.40 -9.89
C PRO B 22 -29.91 7.66 -11.34
N LEU B 23 -29.63 8.90 -11.70
CA LEU B 23 -29.33 9.22 -13.09
C LEU B 23 -27.87 9.67 -13.25
N LEU B 24 -27.17 9.05 -14.21
CA LEU B 24 -25.82 9.44 -14.50
C LEU B 24 -25.83 10.67 -15.43
N SER B 25 -24.76 11.45 -15.34
CA SER B 25 -24.50 12.53 -16.26
C SER B 25 -24.16 11.94 -17.62
N PRO B 26 -24.25 12.77 -18.66
CA PRO B 26 -24.17 12.13 -19.98
C PRO B 26 -22.84 11.46 -20.29
N THR B 27 -21.70 11.94 -19.75
CA THR B 27 -20.42 11.22 -19.92
C THR B 27 -20.31 9.98 -19.08
N ALA B 28 -20.75 10.05 -17.82
CA ALA B 28 -20.72 8.89 -16.96
C ALA B 28 -21.63 7.84 -17.57
N GLN B 29 -22.76 8.24 -18.18
CA GLN B 29 -23.71 7.28 -18.78
C GLN B 29 -23.05 6.53 -19.92
N LYS B 30 -22.34 7.27 -20.77
CA LYS B 30 -21.61 6.63 -21.84
C LYS B 30 -20.54 5.62 -21.34
N LYS B 31 -19.81 5.94 -20.28
CA LYS B 31 -18.83 5.00 -19.77
C LYS B 31 -19.52 3.75 -19.18
N PHE B 32 -20.65 3.98 -18.52
CA PHE B 32 -21.42 2.90 -17.90
C PHE B 32 -21.89 1.92 -18.98
N GLU B 33 -22.40 2.49 -20.06
CA GLU B 33 -22.86 1.69 -21.19
C GLU B 33 -21.73 0.92 -21.85
N GLU B 34 -20.52 1.49 -21.88
CA GLU B 34 -19.37 0.74 -22.38
C GLU B 34 -19.08 -0.49 -21.56
N TYR B 35 -19.08 -0.34 -20.22
CA TYR B 35 -18.95 -1.51 -19.36
C TYR B 35 -20.04 -2.54 -19.57
N GLN B 36 -21.29 -2.06 -19.71
CA GLN B 36 -22.39 -2.95 -19.97
C GLN B 36 -22.20 -3.72 -21.26
N ASN B 37 -21.71 -3.04 -22.28
CA ASN B 37 -21.51 -3.66 -23.58
C ASN B 37 -20.39 -4.71 -23.54
N LYS B 38 -19.33 -4.42 -22.83
CA LYS B 38 -18.26 -5.43 -22.67
C LYS B 38 -18.75 -6.67 -21.97
N LEU B 39 -19.56 -6.50 -20.92
CA LEU B 39 -20.15 -7.66 -20.23
C LEU B 39 -21.10 -8.44 -21.09
N ALA B 40 -21.98 -7.75 -21.81
CA ALA B 40 -22.93 -8.45 -22.63
C ALA B 40 -22.24 -9.12 -23.79
N ASN B 41 -21.23 -8.48 -24.37
CA ASN B 41 -20.45 -9.12 -25.43
C ASN B 41 -19.73 -10.39 -24.94
N LEU B 42 -19.10 -10.30 -23.78
CA LEU B 42 -18.48 -11.44 -23.18
C LEU B 42 -19.45 -12.58 -22.97
N SER B 43 -20.58 -12.32 -22.33
CA SER B 43 -21.53 -13.39 -22.13
C SER B 43 -22.07 -14.01 -23.43
N LYS B 44 -22.38 -13.15 -24.40
CA LYS B 44 -22.87 -13.58 -25.71
C LYS B 44 -21.89 -14.55 -26.35
N ILE B 45 -20.65 -14.14 -26.40
CA ILE B 45 -19.61 -14.95 -26.96
C ILE B 45 -19.38 -16.27 -26.21
N ILE B 46 -19.41 -16.23 -24.88
CA ILE B 46 -19.14 -17.48 -24.10
C ILE B 46 -20.28 -18.44 -24.44
N ARG B 47 -21.51 -17.92 -24.42
CA ARG B 47 -22.66 -18.77 -24.72
C ARG B 47 -22.76 -19.33 -26.12
N GLU B 48 -22.56 -18.52 -27.12
CA GLU B 48 -22.78 -18.95 -28.49
C GLU B 48 -21.75 -20.00 -28.91
N ASN B 49 -20.65 -20.09 -28.15
CA ASN B 49 -19.54 -20.88 -28.55
C ASN B 49 -19.25 -22.04 -27.64
N GLU B 50 -20.27 -22.43 -26.86
CA GLU B 50 -20.09 -23.42 -25.81
C GLU B 50 -19.62 -24.73 -26.37
N GLY B 51 -20.14 -25.12 -27.54
CA GLY B 51 -19.73 -26.33 -28.25
C GLY B 51 -18.24 -26.38 -28.57
N ASN B 52 -17.59 -25.21 -28.58
CA ASN B 52 -16.17 -25.13 -28.98
C ASN B 52 -15.30 -24.57 -27.86
N GLU B 53 -15.84 -24.51 -26.65
CA GLU B 53 -15.10 -24.07 -25.49
C GLU B 53 -14.90 -25.25 -24.52
N VAL B 54 -13.66 -25.45 -24.09
CA VAL B 54 -13.31 -26.56 -23.25
C VAL B 54 -13.98 -26.41 -21.90
N SER B 55 -13.89 -25.22 -21.34
CA SER B 55 -14.34 -24.95 -20.01
C SER B 55 -15.07 -23.60 -19.92
N PRO B 56 -16.34 -23.52 -20.33
CA PRO B 56 -16.99 -22.24 -20.49
C PRO B 56 -17.00 -21.32 -19.27
N TRP B 57 -17.14 -21.92 -18.08
CA TRP B 57 -17.12 -21.11 -16.87
C TRP B 57 -15.75 -20.43 -16.67
N GLN B 58 -14.68 -21.13 -16.95
CA GLN B 58 -13.34 -20.61 -16.79
C GLN B 58 -13.08 -19.51 -17.85
N GLU B 59 -13.64 -19.68 -19.05
CA GLU B 59 -13.50 -18.63 -20.10
C GLU B 59 -14.23 -17.34 -19.64
N TRP B 60 -15.40 -17.54 -19.03
CA TRP B 60 -16.17 -16.37 -18.56
C TRP B 60 -15.40 -15.64 -17.42
N GLU B 61 -14.83 -16.42 -16.49
CA GLU B 61 -14.01 -15.86 -15.42
C GLU B 61 -12.78 -15.17 -15.88
N ASN B 62 -12.07 -15.72 -16.87
CA ASN B 62 -11.02 -15.01 -17.55
C ASN B 62 -11.42 -13.61 -18.08
N GLY B 63 -12.52 -13.55 -18.83
CA GLY B 63 -12.98 -12.29 -19.39
C GLY B 63 -13.40 -11.33 -18.30
N LEU B 64 -14.11 -11.85 -17.28
CA LEU B 64 -14.53 -10.96 -16.22
C LEU B 64 -13.32 -10.29 -15.47
N ARG B 65 -12.23 -11.05 -15.22
CA ARG B 65 -11.00 -10.50 -14.56
C ARG B 65 -10.39 -9.43 -15.41
N GLN B 66 -10.51 -9.61 -16.72
CA GLN B 66 -9.97 -8.62 -17.63
C GLN B 66 -10.86 -7.38 -17.63
N ILE B 67 -12.17 -7.57 -17.61
CA ILE B 67 -13.08 -6.39 -17.45
C ILE B 67 -12.87 -5.64 -16.10
N TYR B 68 -12.80 -6.36 -15.02
CA TYR B 68 -12.58 -5.75 -13.70
C TYR B 68 -11.26 -5.04 -13.63
N LYS B 69 -10.22 -5.60 -14.25
CA LYS B 69 -8.95 -4.93 -14.32
C LYS B 69 -9.10 -3.55 -14.98
N GLU B 70 -9.75 -3.52 -16.13
CA GLU B 70 -10.02 -2.24 -16.79
C GLU B 70 -10.77 -1.24 -15.89
N ILE B 72 -10.74 -1.22 -12.61
CA ILE B 72 -9.83 -0.72 -11.61
C ILE B 72 -8.95 0.41 -12.13
N TYR B 73 -8.25 0.20 -13.23
CA TYR B 73 -7.40 1.24 -13.76
C TYR B 73 -8.19 2.52 -14.07
N ASP B 74 -9.42 2.42 -14.59
CA ASP B 74 -10.25 3.58 -14.95
C ASP B 74 -10.64 4.35 -13.68
N ALA B 75 -10.91 3.63 -12.59
CA ALA B 75 -11.33 4.27 -11.37
C ALA B 75 -10.16 5.04 -10.74
N PHE B 76 -8.97 4.42 -10.62
CA PHE B 76 -7.82 5.18 -10.13
C PHE B 76 -7.58 6.48 -10.96
N ASP B 77 -7.65 6.37 -12.26
CA ASP B 77 -7.44 7.52 -13.14
CA ASP B 77 -7.48 7.51 -13.16
C ASP B 77 -8.57 8.59 -12.88
N ALA B 78 -9.82 8.15 -12.89
CA ALA B 78 -10.94 9.11 -12.82
C ALA B 78 -10.97 9.83 -11.47
N LEU B 79 -10.55 9.16 -10.40
CA LEU B 79 -10.52 9.71 -9.07
C LEU B 79 -9.18 10.44 -8.71
N GLY B 80 -8.21 10.41 -9.60
CA GLY B 80 -7.00 11.17 -9.34
C GLY B 80 -6.23 10.56 -8.16
N VAL B 81 -6.30 9.23 -8.02
CA VAL B 81 -5.57 8.56 -6.96
C VAL B 81 -4.44 7.75 -7.61
N GLU B 82 -3.22 7.83 -7.09
CA GLU B 82 -2.08 7.04 -7.61
C GLU B 82 -2.23 5.60 -7.13
N PRO B 84 -0.67 2.29 -5.91
CA PRO B 84 0.65 1.84 -5.47
C PRO B 84 1.14 0.81 -6.47
N LYS B 85 2.42 0.89 -6.78
CA LYS B 85 3.05 0.01 -7.78
C LYS B 85 3.04 -1.48 -7.40
N ASP B 86 2.98 -1.78 -6.10
CA ASP B 86 2.94 -3.15 -5.61
C ASP B 86 1.55 -3.67 -5.22
N GLU B 88 -2.04 -5.41 -5.36
CA GLU B 88 -2.57 -6.55 -6.05
C GLU B 88 -4.03 -6.67 -5.86
N VAL B 89 -4.69 -7.30 -6.81
CA VAL B 89 -6.07 -7.62 -6.63
C VAL B 89 -6.24 -9.05 -7.12
N HIS B 90 -6.87 -9.91 -6.31
CA HIS B 90 -7.02 -11.30 -6.61
C HIS B 90 -8.49 -11.61 -6.51
N PHE B 91 -9.04 -12.34 -7.48
CA PHE B 91 -10.48 -12.65 -7.44
C PHE B 91 -10.66 -14.05 -6.82
N ALA B 92 -11.27 -14.07 -5.66
CA ALA B 92 -11.65 -15.29 -4.96
C ALA B 92 -13.11 -15.65 -5.26
N GLY B 93 -13.31 -16.94 -5.41
CA GLY B 93 -14.64 -17.48 -5.52
C GLY B 93 -15.01 -17.88 -6.92
N SER B 94 -15.96 -18.78 -7.00
CA SER B 94 -16.36 -19.39 -8.27
C SER B 94 -17.64 -18.75 -8.91
N LEU B 95 -17.54 -18.39 -10.17
CA LEU B 95 -18.69 -17.80 -10.88
C LEU B 95 -19.80 -18.81 -11.01
N ALA B 96 -19.47 -20.08 -11.31
CA ALA B 96 -20.54 -21.14 -11.45
C ALA B 96 -21.48 -21.19 -10.23
N LYS B 97 -20.95 -20.82 -9.07
CA LYS B 97 -21.76 -20.88 -7.85
C LYS B 97 -22.26 -19.50 -7.37
N ALA B 98 -21.97 -18.42 -8.13
CA ALA B 98 -22.34 -17.10 -7.67
C ALA B 98 -23.86 -16.99 -7.46
N GLN B 99 -24.67 -17.40 -8.44
CA GLN B 99 -26.13 -17.26 -8.25
C GLN B 99 -26.70 -18.15 -7.12
N ALA B 100 -26.16 -19.36 -6.99
CA ALA B 100 -26.59 -20.32 -5.95
C ALA B 100 -26.27 -19.85 -4.51
N THR B 101 -25.35 -18.90 -4.37
CA THR B 101 -24.92 -18.33 -3.09
C THR B 101 -25.23 -16.81 -2.94
N GLU B 102 -26.10 -16.30 -3.83
CA GLU B 102 -26.47 -14.88 -3.87
C GLU B 102 -25.27 -13.98 -3.88
N TYR B 103 -24.21 -14.42 -4.55
CA TYR B 103 -23.06 -13.63 -4.76
C TYR B 103 -22.22 -13.45 -3.51
N SER B 104 -22.58 -14.10 -2.41
CA SER B 104 -21.87 -13.88 -1.12
C SER B 104 -20.43 -14.41 -1.05
N ASP B 105 -20.06 -15.27 -2.00
CA ASP B 105 -18.74 -15.89 -1.94
C ASP B 105 -17.63 -15.18 -2.77
N LEU B 106 -18.02 -14.35 -3.76
CA LEU B 106 -17.05 -13.60 -4.56
C LEU B 106 -16.38 -12.48 -3.71
N ASP B 107 -15.05 -12.38 -3.80
CA ASP B 107 -14.30 -11.28 -3.22
C ASP B 107 -13.12 -11.06 -4.14
N ALA B 108 -13.09 -9.92 -4.74
CA ALA B 108 -11.96 -9.37 -5.42
C ALA B 108 -11.12 -8.67 -4.33
N PHE B 109 -10.26 -9.39 -3.62
CA PHE B 109 -9.58 -8.78 -2.49
C PHE B 109 -8.35 -8.03 -2.90
N VAL B 110 -7.98 -7.03 -2.10
CA VAL B 110 -6.94 -6.11 -2.45
C VAL B 110 -5.85 -6.31 -1.48
N ILE B 111 -4.64 -6.50 -2.00
CA ILE B 111 -3.47 -6.67 -1.12
C ILE B 111 -2.55 -5.48 -1.34
N VAL B 112 -2.15 -4.84 -0.26
CA VAL B 112 -1.27 -3.68 -0.32
C VAL B 112 -0.02 -4.02 0.43
N LYS B 113 1.09 -3.37 0.09
CA LYS B 113 2.40 -3.56 0.75
C LYS B 113 2.40 -3.02 2.21
N ASN B 114 1.82 -1.85 2.42
CA ASN B 114 1.80 -1.19 3.72
C ASN B 114 0.41 -0.73 4.10
N ASP B 115 0.14 -0.75 5.41
CA ASP B 115 -1.15 -0.31 5.92
C ASP B 115 -1.45 1.16 5.58
N GLU B 116 -0.42 2.03 5.51
CA GLU B 116 -0.63 3.43 5.06
CA GLU B 116 -0.56 3.43 5.00
C GLU B 116 -1.31 3.48 3.69
N ASP B 117 -1.09 2.49 2.82
CA ASP B 117 -1.72 2.51 1.49
C ASP B 117 -3.25 2.38 1.50
N ILE B 118 -3.79 1.77 2.56
CA ILE B 118 -5.21 1.48 2.61
C ILE B 118 -6.06 2.76 2.54
N LYS B 119 -5.65 3.78 3.27
CA LYS B 119 -6.31 5.08 3.29
C LYS B 119 -6.65 5.69 1.95
N LYS B 120 -5.71 5.70 1.04
CA LYS B 120 -5.96 6.24 -0.29
C LYS B 120 -6.61 5.25 -1.22
N VAL B 121 -6.38 3.97 -1.03
CA VAL B 121 -6.82 2.93 -1.95
C VAL B 121 -8.28 2.50 -1.66
N LYS B 122 -8.62 2.38 -0.39
CA LYS B 122 -9.93 1.92 -0.01
C LYS B 122 -11.12 2.74 -0.61
N PRO B 123 -11.06 4.08 -0.61
CA PRO B 123 -12.16 4.80 -1.25
C PRO B 123 -12.33 4.52 -2.76
N VAL B 124 -11.24 4.22 -3.48
CA VAL B 124 -11.35 3.82 -4.87
C VAL B 124 -12.16 2.50 -5.01
N PHE B 125 -11.85 1.50 -4.21
CA PHE B 125 -12.60 0.23 -4.28
C PHE B 125 -14.05 0.37 -3.81
N ASP B 126 -14.31 1.31 -2.87
CA ASP B 126 -15.62 1.53 -2.36
C ASP B 126 -16.44 2.25 -3.50
N ALA B 127 -15.81 3.19 -4.22
CA ALA B 127 -16.39 3.75 -5.45
C ALA B 127 -16.73 2.67 -6.52
N LEU B 128 -15.80 1.77 -6.79
CA LEU B 128 -16.00 0.66 -7.70
C LEU B 128 -17.17 -0.20 -7.29
N ASN B 129 -17.28 -0.44 -6.00
CA ASN B 129 -18.46 -1.13 -5.47
C ASN B 129 -19.75 -0.41 -5.74
N ASN B 130 -19.80 0.90 -5.66
CA ASN B 130 -21.03 1.61 -6.04
C ASN B 130 -21.39 1.35 -7.49
N LEU B 131 -20.39 1.48 -8.37
CA LEU B 131 -20.55 1.24 -9.80
C LEU B 131 -21.01 -0.19 -10.11
N CYS B 132 -20.37 -1.17 -9.46
CA CYS B 132 -20.78 -2.59 -9.55
C CYS B 132 -22.26 -2.81 -9.10
N GLN B 133 -22.71 -2.14 -8.03
CA GLN B 133 -24.11 -2.21 -7.61
C GLN B 133 -25.01 -1.65 -8.70
N ARG B 134 -24.60 -0.53 -9.31
CA ARG B 134 -25.37 0.03 -10.40
C ARG B 134 -25.45 -0.89 -11.61
N ILE B 135 -24.33 -1.51 -11.98
CA ILE B 135 -24.35 -2.55 -13.05
C ILE B 135 -25.29 -3.70 -12.75
N PHE B 136 -25.27 -4.14 -11.51
CA PHE B 136 -26.13 -5.23 -11.05
C PHE B 136 -27.60 -4.90 -11.13
N THR B 137 -28.01 -3.74 -10.61
CA THR B 137 -29.35 -3.20 -10.83
C THR B 137 -29.78 -3.10 -12.34
N ALA B 138 -28.92 -2.57 -13.20
CA ALA B 138 -29.26 -2.42 -14.65
C ALA B 138 -29.24 -3.77 -15.40
N SER B 139 -28.65 -4.80 -14.80
CA SER B 139 -28.49 -6.10 -15.44
C SER B 139 -29.75 -6.90 -15.50
N ASN B 140 -29.73 -7.87 -16.40
CA ASN B 140 -30.75 -8.97 -16.41
C ASN B 140 -30.37 -10.05 -15.35
N GLN B 141 -31.05 -9.98 -14.21
CA GLN B 141 -30.56 -10.78 -13.07
C GLN B 141 -30.86 -12.30 -13.23
N ILE B 142 -31.69 -12.68 -14.19
CA ILE B 142 -31.84 -14.12 -14.57
C ILE B 142 -30.47 -14.82 -14.79
N TYR B 143 -29.51 -14.05 -15.30
CA TYR B 143 -28.20 -14.56 -15.70
C TYR B 143 -27.11 -14.02 -14.76
N PRO B 144 -26.05 -14.82 -14.53
CA PRO B 144 -25.07 -14.41 -13.49
C PRO B 144 -24.40 -13.08 -13.86
N ASP B 145 -24.35 -12.14 -12.94
CA ASP B 145 -23.50 -10.93 -13.10
C ASP B 145 -22.14 -11.39 -12.65
N PRO B 146 -21.27 -11.54 -13.61
CA PRO B 146 -19.93 -12.10 -13.34
C PRO B 146 -19.07 -11.22 -12.43
N ILE B 147 -19.40 -9.94 -12.28
CA ILE B 147 -18.58 -9.14 -11.38
C ILE B 147 -19.22 -9.11 -9.96
N GLY B 148 -20.37 -9.76 -9.77
CA GLY B 148 -21.04 -9.72 -8.46
C GLY B 148 -21.77 -8.43 -8.20
N ILE B 149 -22.17 -8.22 -6.96
CA ILE B 149 -22.93 -7.04 -6.56
C ILE B 149 -21.99 -5.96 -6.00
N ASN B 150 -21.18 -6.31 -4.98
CA ASN B 150 -20.10 -5.40 -4.52
C ASN B 150 -18.89 -6.27 -4.16
N PRO B 151 -18.14 -6.64 -5.18
CA PRO B 151 -17.20 -7.71 -5.02
C PRO B 151 -15.94 -7.39 -4.24
N SER B 152 -15.57 -6.11 -4.08
CA SER B 152 -14.33 -5.79 -3.40
C SER B 152 -14.62 -5.68 -1.90
N ARG B 153 -14.18 -6.68 -1.14
CA ARG B 153 -14.59 -6.73 0.19
C ARG B 153 -13.47 -6.51 1.21
N LEU B 154 -12.37 -7.22 1.08
CA LEU B 154 -11.26 -7.10 2.03
C LEU B 154 -10.08 -6.40 1.41
N ILE B 155 -9.38 -5.62 2.22
CA ILE B 155 -8.21 -4.93 1.79
C ILE B 155 -7.20 -4.97 2.95
N GLY B 156 -5.96 -5.35 2.67
CA GLY B 156 -4.95 -5.30 3.69
C GLY B 156 -3.57 -5.75 3.23
N THR B 157 -2.59 -5.67 4.13
CA THR B 157 -1.32 -6.34 3.91
C THR B 157 -1.53 -7.92 4.00
N PRO B 158 -0.57 -8.71 3.52
CA PRO B 158 -0.56 -10.15 3.76
C PRO B 158 -0.70 -10.52 5.24
N ASP B 159 0.01 -9.82 6.13
CA ASP B 159 -0.17 -10.03 7.55
C ASP B 159 -1.60 -9.67 8.06
N ASP B 160 -2.18 -8.54 7.61
CA ASP B 160 -3.53 -8.22 7.98
C ASP B 160 -4.49 -9.34 7.53
N LEU B 161 -4.42 -9.72 6.27
CA LEU B 161 -5.39 -10.66 5.73
C LEU B 161 -5.22 -12.04 6.41
N PHE B 162 -3.96 -12.48 6.56
CA PHE B 162 -3.71 -13.69 7.26
C PHE B 162 -4.23 -13.62 8.69
N GLY B 163 -3.97 -12.50 9.36
CA GLY B 163 -4.43 -12.35 10.74
C GLY B 163 -5.94 -12.56 10.94
N LEU B 165 -7.93 -14.41 9.18
CA LEU B 165 -8.26 -15.82 9.02
C LEU B 165 -7.92 -16.60 10.29
N LYS B 166 -6.74 -16.33 10.79
CA LYS B 166 -6.17 -17.06 11.89
C LYS B 166 -6.86 -16.72 13.21
N ASP B 167 -7.46 -15.54 13.26
CA ASP B 167 -8.14 -15.06 14.45
C ASP B 167 -9.67 -15.28 14.39
N GLY B 168 -10.13 -16.04 13.41
CA GLY B 168 -11.57 -16.30 13.24
C GLY B 168 -12.44 -15.06 13.01
N VAL B 170 -13.51 -14.00 10.22
CA VAL B 170 -14.25 -14.22 9.00
C VAL B 170 -15.32 -15.29 9.37
N ALA B 171 -16.37 -15.42 8.56
CA ALA B 171 -17.43 -16.47 8.74
C ALA B 171 -16.99 -17.95 8.76
N ASP B 172 -16.57 -18.50 7.62
CA ASP B 172 -16.01 -19.88 7.57
C ASP B 172 -14.54 -19.77 7.20
N VAL B 173 -13.71 -19.63 8.23
CA VAL B 173 -12.27 -19.57 8.09
C VAL B 173 -11.73 -20.49 6.98
N GLU B 174 -11.96 -21.80 7.07
CA GLU B 174 -11.26 -22.71 6.15
C GLU B 174 -11.70 -22.53 4.71
N ALA B 175 -12.99 -22.29 4.54
CA ALA B 175 -13.51 -21.98 3.23
C ALA B 175 -12.86 -20.73 2.66
N THR B 176 -12.77 -19.68 3.48
CA THR B 176 -12.21 -18.40 3.06
C THR B 176 -10.71 -18.58 2.73
N ALA B 177 -9.99 -19.29 3.60
CA ALA B 177 -8.60 -19.65 3.39
C ALA B 177 -8.47 -20.31 2.02
N SER B 179 -10.45 -20.21 -0.51
CA SER B 179 -10.78 -19.32 -1.60
C SER B 179 -9.62 -18.32 -1.85
N ILE B 180 -8.88 -17.96 -0.83
CA ILE B 180 -7.66 -17.17 -1.02
C ILE B 180 -6.57 -17.97 -1.73
N LEU B 181 -6.34 -19.19 -1.26
CA LEU B 181 -5.33 -19.99 -1.87
C LEU B 181 -5.55 -20.20 -3.38
N THR B 182 -6.80 -20.33 -3.80
CA THR B 182 -7.13 -20.69 -5.17
C THR B 182 -7.51 -19.44 -5.98
N SER B 183 -7.29 -18.24 -5.42
CA SER B 183 -7.65 -16.99 -6.08
C SER B 183 -6.82 -16.79 -7.34
N LYS B 184 -7.39 -16.05 -8.26
CA LYS B 184 -6.78 -15.77 -9.50
C LYS B 184 -6.42 -14.31 -9.59
N PRO B 185 -5.31 -13.98 -10.21
CA PRO B 185 -4.82 -12.61 -10.28
C PRO B 185 -5.57 -11.70 -11.26
N VAL B 186 -5.88 -10.49 -10.82
CA VAL B 186 -6.55 -9.49 -11.67
C VAL B 186 -5.54 -8.54 -12.24
N LEU B 187 -4.58 -8.12 -11.42
CA LEU B 187 -3.50 -7.26 -11.84
C LEU B 187 -2.26 -8.09 -11.96
N PRO B 188 -1.26 -7.60 -12.75
CA PRO B 188 -0.04 -8.34 -13.02
C PRO B 188 1.01 -8.25 -11.91
N ARG B 189 0.57 -8.46 -10.68
CA ARG B 189 1.45 -8.43 -9.55
C ARG B 189 1.13 -9.63 -8.63
N TYR B 190 2.17 -10.26 -8.12
CA TYR B 190 2.06 -11.61 -7.57
C TYR B 190 2.73 -11.78 -6.21
N GLU B 191 3.75 -11.01 -5.94
CA GLU B 191 4.56 -11.26 -4.76
C GLU B 191 3.84 -11.26 -3.40
N LEU B 192 2.93 -10.32 -3.19
CA LEU B 192 2.26 -10.18 -1.90
C LEU B 192 1.26 -11.30 -1.74
N GLY B 193 0.64 -11.68 -2.87
CA GLY B 193 -0.33 -12.77 -2.91
C GLY B 193 0.42 -14.07 -2.49
N GLU B 194 1.65 -14.24 -2.97
CA GLU B 194 2.45 -15.41 -2.59
C GLU B 194 2.82 -15.38 -1.12
N GLU B 195 3.23 -14.21 -0.62
CA GLU B 195 3.51 -14.11 0.81
C GLU B 195 2.25 -14.56 1.58
N LEU B 196 1.09 -14.09 1.16
CA LEU B 196 -0.17 -14.42 1.90
C LEU B 196 -0.51 -15.92 1.81
N ARG B 197 -0.35 -16.49 0.63
CA ARG B 197 -0.68 -17.91 0.40
C ARG B 197 0.27 -18.79 1.20
N ASP B 198 1.53 -18.32 1.36
CA ASP B 198 2.57 -19.12 2.00
C ASP B 198 2.25 -19.17 3.53
N LYS B 199 1.80 -18.05 4.10
CA LYS B 199 1.34 -18.04 5.50
C LYS B 199 0.15 -18.99 5.72
N ILE B 200 -0.83 -18.99 4.84
CA ILE B 200 -1.96 -19.91 4.97
C ILE B 200 -1.45 -21.35 4.91
N LYS B 201 -0.50 -21.60 4.01
CA LYS B 201 -0.07 -22.95 3.73
C LYS B 201 0.74 -23.51 4.86
N GLN B 202 1.48 -22.65 5.54
CA GLN B 202 2.37 -23.05 6.62
C GLN B 202 1.76 -22.93 7.99
N GLU B 203 0.51 -22.43 8.10
CA GLU B 203 -0.22 -22.40 9.39
C GLU B 203 -0.75 -23.78 9.84
N PRO B 204 -0.26 -24.28 10.99
CA PRO B 204 -0.59 -25.63 11.44
C PRO B 204 -2.08 -25.92 11.57
N SER B 205 -2.86 -24.96 12.07
CA SER B 205 -4.30 -25.14 12.22
C SER B 205 -5.12 -25.30 10.94
N PHE B 206 -4.53 -25.04 9.77
CA PHE B 206 -5.17 -25.35 8.50
C PHE B 206 -4.51 -26.58 7.87
N SER B 207 -3.90 -27.43 8.70
CA SER B 207 -3.18 -28.64 8.23
C SER B 207 -4.06 -29.62 7.49
N ASN B 208 -5.25 -29.87 8.07
CA ASN B 208 -6.28 -30.70 7.42
C ASN B 208 -6.45 -30.48 5.88
N VAL B 210 -3.90 -29.41 3.70
CA VAL B 210 -2.62 -29.51 2.90
C VAL B 210 -2.18 -30.96 2.63
#